data_5OXR
#
_entry.id   5OXR
#
_cell.length_a   55.329
_cell.length_b   108.140
_cell.length_c   55.670
_cell.angle_alpha   90.000
_cell.angle_beta   91.820
_cell.angle_gamma   90.000
#
_symmetry.space_group_name_H-M   'P 1 21 1'
#
loop_
_entity.id
_entity.type
_entity.pdbx_description
1 polymer 'Pulmonary surfactant-associated protein D'
2 branched 'L-glycero-alpha-D-manno-heptopyranose-(1-3)-L-glycero-alpha-D-manno-heptopyranose-(1-5)-4,7-anhydro-3-deoxy-D-gluco-oct-2-ulosonic acid'
3 non-polymer 'CALCIUM ION'
4 water water
#
_entity_poly.entity_id   1
_entity_poly.type   'polypeptide(L)'
_entity_poly.pdbx_seq_one_letter_code
;GSPGLKGDKGIPGDKGAKGESGLPDVASLRQQVEALQGQVQHLQAAFSQYKKVELFPNGQSVGEKIFKTAGFVKPFTEAQ
LLCTQAGGQLASPRSAAENAALQQLVVAKNEAAFLSMTDSKTEGKFTYPTGESLVYSNWAPGEPNDDGGSEDCVEIFTNG
KWNDRACGEKRLVVCEF
;
_entity_poly.pdbx_strand_id   A,B,C
#
# COMPACT_ATOMS: atom_id res chain seq x y z
N ALA A 27 7.87 -38.22 22.72
CA ALA A 27 6.49 -38.74 22.53
C ALA A 27 5.47 -37.61 22.37
N SER A 28 5.61 -36.55 23.17
CA SER A 28 4.71 -35.40 23.14
C SER A 28 5.26 -34.22 22.32
N LEU A 29 5.83 -34.52 21.15
CA LEU A 29 5.97 -33.54 20.09
C LEU A 29 4.59 -33.17 19.55
N ARG A 30 3.67 -34.14 19.58
CA ARG A 30 2.25 -33.94 19.27
C ARG A 30 1.70 -32.57 19.68
N GLN A 31 1.87 -32.22 20.95
CA GLN A 31 1.32 -30.98 21.50
C GLN A 31 2.03 -29.71 21.02
N GLN A 32 3.30 -29.85 20.63
CA GLN A 32 4.01 -28.76 19.95
C GLN A 32 3.53 -28.62 18.51
N VAL A 33 3.34 -29.74 17.82
CA VAL A 33 2.86 -29.77 16.43
C VAL A 33 1.43 -29.25 16.30
N GLU A 34 0.57 -29.60 17.26
CA GLU A 34 -0.80 -29.07 17.28
C GLU A 34 -0.79 -27.55 17.54
N ALA A 35 0.09 -27.11 18.45
CA ALA A 35 0.24 -25.69 18.76
C ALA A 35 0.80 -24.89 17.60
N LEU A 36 1.88 -25.41 17.01
CA LEU A 36 2.56 -24.74 15.90
C LEU A 36 1.62 -24.62 14.71
N GLN A 37 0.76 -25.60 14.53
CA GLN A 37 -0.26 -25.59 13.50
C GLN A 37 -1.32 -24.51 13.70
N GLY A 38 -1.75 -24.31 14.94
CA GLY A 38 -2.64 -23.21 15.27
C GLY A 38 -2.01 -21.86 14.93
N GLN A 39 -0.74 -21.70 15.30
CA GLN A 39 0.02 -20.46 15.01
C GLN A 39 0.12 -20.21 13.51
N VAL A 40 0.44 -21.25 12.76
CA VAL A 40 0.58 -21.12 11.30
C VAL A 40 -0.76 -20.81 10.63
N GLN A 41 -1.83 -21.44 11.09
CA GLN A 41 -3.16 -21.16 10.54
C GLN A 41 -3.66 -19.73 10.89
N HIS A 42 -3.34 -19.25 12.10
CA HIS A 42 -3.64 -17.86 12.44
C HIS A 42 -2.83 -16.91 11.57
N LEU A 43 -1.58 -17.24 11.33
CA LEU A 43 -0.73 -16.44 10.45
C LEU A 43 -1.25 -16.44 9.02
N GLN A 44 -1.68 -17.60 8.51
CA GLN A 44 -2.28 -17.70 7.17
C GLN A 44 -3.50 -16.78 7.04
N ALA A 45 -4.33 -16.77 8.08
CA ALA A 45 -5.56 -15.99 8.06
C ALA A 45 -5.23 -14.49 8.06
N ALA A 46 -4.28 -14.11 8.90
CA ALA A 46 -3.92 -12.67 8.99
C ALA A 46 -3.26 -12.22 7.71
N PHE A 47 -2.35 -13.05 7.21
CA PHE A 47 -1.67 -12.71 5.98
C PHE A 47 -2.65 -12.57 4.83
N SER A 48 -3.62 -13.48 4.75
CA SER A 48 -4.66 -13.43 3.72
C SER A 48 -5.47 -12.13 3.74
N GLN A 49 -5.79 -11.68 4.94
CA GLN A 49 -6.48 -10.42 5.12
C GLN A 49 -5.60 -9.25 4.67
N TYR A 50 -4.36 -9.24 5.16
CA TYR A 50 -3.42 -8.15 4.83
C TYR A 50 -3.09 -8.11 3.33
N LYS A 51 -3.10 -9.27 2.68
CA LYS A 51 -2.92 -9.28 1.25
C LYS A 51 -4.08 -8.60 0.48
N LYS A 52 -5.33 -8.84 0.89
CA LYS A 52 -6.45 -8.13 0.25
C LYS A 52 -6.33 -6.65 0.44
N VAL A 53 -5.97 -6.24 1.67
CA VAL A 53 -5.80 -4.84 2.01
C VAL A 53 -4.72 -4.21 1.12
N GLU A 54 -3.59 -4.88 1.01
CA GLU A 54 -2.47 -4.40 0.21
C GLU A 54 -2.85 -4.07 -1.23
N LEU A 55 -3.68 -4.92 -1.84
CA LEU A 55 -4.01 -4.78 -3.24
C LEU A 55 -5.10 -3.75 -3.53
N PHE A 56 -5.75 -3.26 -2.47
CA PHE A 56 -6.78 -2.26 -2.67
C PHE A 56 -6.17 -0.85 -2.50
N PRO A 57 -6.26 0.07 -3.47
CA PRO A 57 -6.94 -0.07 -4.74
C PRO A 57 -5.97 -0.21 -5.95
N ASN A 58 -4.67 -0.37 -5.72
CA ASN A 58 -3.67 -0.25 -6.82
C ASN A 58 -3.11 -1.57 -7.33
N GLY A 59 -3.69 -2.70 -6.91
CA GLY A 59 -3.23 -4.01 -7.31
C GLY A 59 -4.29 -4.98 -7.77
N GLN A 60 -3.84 -6.04 -8.45
CA GLN A 60 -4.72 -7.14 -8.86
C GLN A 60 -3.95 -8.41 -8.77
N SER A 61 -4.55 -9.47 -8.22
CA SER A 61 -3.89 -10.78 -8.22
C SER A 61 -4.56 -11.65 -9.27
N VAL A 62 -3.78 -12.49 -9.93
CA VAL A 62 -4.29 -13.44 -10.92
C VAL A 62 -3.39 -14.65 -10.90
N GLY A 63 -3.93 -15.80 -10.44
CA GLY A 63 -3.11 -16.98 -10.20
C GLY A 63 -2.05 -16.60 -9.16
N GLU A 64 -0.79 -16.94 -9.44
CA GLU A 64 0.32 -16.60 -8.52
C GLU A 64 0.95 -15.23 -8.82
N LYS A 65 0.42 -14.50 -9.79
CA LYS A 65 1.01 -13.22 -10.24
C LYS A 65 0.28 -12.08 -9.56
N ILE A 66 1.00 -11.01 -9.22
CA ILE A 66 0.41 -9.81 -8.67
C ILE A 66 0.83 -8.65 -9.55
N PHE A 67 -0.15 -7.85 -10.03
CA PHE A 67 0.15 -6.57 -10.67
C PHE A 67 -0.05 -5.45 -9.65
N LYS A 68 0.83 -4.44 -9.66
CA LYS A 68 0.63 -3.28 -8.84
C LYS A 68 1.06 -2.06 -9.63
N THR A 69 0.20 -1.06 -9.70
CA THR A 69 0.57 0.22 -10.28
C THR A 69 1.26 1.16 -9.29
N ALA A 70 2.22 1.93 -9.79
CA ALA A 70 2.80 3.02 -9.03
C ALA A 70 1.87 4.22 -8.97
N GLY A 71 0.91 4.30 -9.89
CA GLY A 71 -0.10 5.33 -9.91
C GLY A 71 0.34 6.63 -10.58
N PHE A 72 1.47 6.59 -11.29
CA PHE A 72 1.97 7.72 -12.07
C PHE A 72 2.55 7.23 -13.39
N VAL A 73 2.87 8.17 -14.26
CA VAL A 73 3.38 7.85 -15.59
C VAL A 73 4.87 8.13 -15.66
N LYS A 74 5.54 7.34 -16.49
CA LYS A 74 6.95 7.50 -16.79
C LYS A 74 7.20 7.01 -18.22
N PRO A 75 8.27 7.49 -18.86
CA PRO A 75 8.76 6.87 -20.10
C PRO A 75 9.24 5.45 -19.87
N PHE A 76 9.38 4.68 -20.94
CA PHE A 76 9.59 3.24 -20.80
C PHE A 76 10.85 2.88 -20.03
N THR A 77 11.99 3.46 -20.38
CA THR A 77 13.24 3.08 -19.69
C THR A 77 13.15 3.37 -18.21
N GLU A 78 12.56 4.49 -17.82
CA GLU A 78 12.38 4.80 -16.40
C GLU A 78 11.39 3.82 -15.70
N ALA A 79 10.29 3.50 -16.39
CA ALA A 79 9.30 2.53 -15.87
C ALA A 79 9.92 1.15 -15.65
N GLN A 80 10.67 0.68 -16.63
CA GLN A 80 11.34 -0.60 -16.55
C GLN A 80 12.32 -0.65 -15.39
N LEU A 81 13.10 0.42 -15.22
CA LEU A 81 14.05 0.49 -14.11
C LEU A 81 13.34 0.43 -12.75
N LEU A 82 12.26 1.18 -12.59
CA LEU A 82 11.47 1.19 -11.36
C LEU A 82 11.04 -0.25 -11.01
N CYS A 83 10.52 -0.98 -12.01
CA CYS A 83 10.06 -2.36 -11.75
C CYS A 83 11.21 -3.29 -11.42
N THR A 84 12.31 -3.22 -12.16
CA THR A 84 13.43 -4.12 -11.89
CA THR A 84 13.49 -4.06 -11.92
C THR A 84 14.04 -3.82 -10.53
N GLN A 85 14.15 -2.55 -10.15
CA GLN A 85 14.67 -2.16 -8.84
C GLN A 85 13.78 -2.59 -7.67
N ALA A 86 12.47 -2.63 -7.93
CA ALA A 86 11.50 -3.16 -6.96
C ALA A 86 11.48 -4.69 -6.87
N GLY A 87 12.23 -5.39 -7.71
CA GLY A 87 12.28 -6.85 -7.68
C GLY A 87 11.21 -7.53 -8.52
N GLY A 88 10.64 -6.79 -9.47
CA GLY A 88 9.66 -7.35 -10.40
C GLY A 88 10.06 -7.07 -11.83
N GLN A 89 9.07 -6.94 -12.68
CA GLN A 89 9.26 -6.48 -14.04
C GLN A 89 8.02 -5.77 -14.52
N LEU A 90 8.12 -5.08 -15.65
CA LEU A 90 6.90 -4.45 -16.19
C LEU A 90 5.85 -5.53 -16.47
N ALA A 91 4.59 -5.15 -16.35
CA ALA A 91 3.44 -6.01 -16.63
C ALA A 91 3.64 -6.82 -17.90
N SER A 92 3.49 -8.14 -17.79
CA SER A 92 3.76 -9.06 -18.89
C SER A 92 2.65 -10.13 -18.98
N PRO A 93 1.45 -9.74 -19.43
CA PRO A 93 0.32 -10.66 -19.45
C PRO A 93 0.56 -11.81 -20.41
N ARG A 94 0.45 -13.02 -19.90
CA ARG A 94 0.76 -14.21 -20.68
C ARG A 94 -0.50 -15.01 -21.05
N SER A 95 -1.67 -14.47 -20.70
CA SER A 95 -2.96 -15.12 -20.98
C SER A 95 -4.06 -14.07 -20.99
N ALA A 96 -5.23 -14.46 -21.48
CA ALA A 96 -6.39 -13.57 -21.47
C ALA A 96 -6.81 -13.21 -20.03
N ALA A 97 -6.70 -14.16 -19.10
CA ALA A 97 -7.03 -13.89 -17.69
C ALA A 97 -6.07 -12.86 -17.07
N GLU A 98 -4.79 -12.99 -17.37
CA GLU A 98 -3.82 -11.98 -16.87
C GLU A 98 -4.08 -10.62 -17.54
N ASN A 99 -4.41 -10.65 -18.83
CA ASN A 99 -4.69 -9.41 -19.52
C ASN A 99 -5.89 -8.67 -18.95
N ALA A 100 -6.94 -9.44 -18.61
CA ALA A 100 -8.16 -8.88 -18.03
C ALA A 100 -7.89 -8.29 -16.66
N ALA A 101 -7.00 -8.93 -15.88
CA ALA A 101 -6.64 -8.42 -14.56
C ALA A 101 -5.88 -7.10 -14.69
N LEU A 102 -4.92 -7.05 -15.62
CA LEU A 102 -4.20 -5.81 -15.86
C LEU A 102 -5.13 -4.68 -16.35
N GLN A 103 -6.03 -5.04 -17.24
CA GLN A 103 -7.01 -4.10 -17.77
C GLN A 103 -7.83 -3.42 -16.66
N GLN A 104 -8.16 -4.15 -15.60
CA GLN A 104 -8.82 -3.53 -14.43
C GLN A 104 -8.04 -2.37 -13.84
N LEU A 105 -6.72 -2.47 -13.70
CA LEU A 105 -5.91 -1.34 -13.20
C LEU A 105 -5.85 -0.15 -14.13
N VAL A 106 -5.72 -0.45 -15.41
CA VAL A 106 -5.64 0.60 -16.43
C VAL A 106 -6.97 1.37 -16.48
N VAL A 107 -8.08 0.62 -16.47
CA VAL A 107 -9.44 1.20 -16.40
C VAL A 107 -9.58 2.06 -15.14
N ALA A 108 -9.15 1.55 -13.99
CA ALA A 108 -9.24 2.32 -12.73
C ALA A 108 -8.49 3.64 -12.77
N LYS A 109 -7.27 3.66 -13.33
CA LYS A 109 -6.48 4.88 -13.39
C LYS A 109 -6.78 5.68 -14.66
N ASN A 110 -7.55 5.11 -15.57
CA ASN A 110 -7.92 5.72 -16.84
C ASN A 110 -6.70 6.20 -17.63
N GLU A 111 -5.66 5.36 -17.66
CA GLU A 111 -4.42 5.70 -18.32
C GLU A 111 -3.78 4.43 -18.83
N ALA A 112 -3.48 4.41 -20.13
CA ALA A 112 -2.77 3.30 -20.75
C ALA A 112 -1.42 3.02 -20.06
N ALA A 113 -1.04 1.75 -19.96
CA ALA A 113 0.15 1.33 -19.25
C ALA A 113 1.12 0.66 -20.22
N PHE A 114 2.41 0.81 -19.97
CA PHE A 114 3.43 0.02 -20.66
C PHE A 114 3.43 -1.46 -20.26
N LEU A 115 3.62 -2.32 -21.24
CA LEU A 115 3.97 -3.72 -20.99
C LEU A 115 5.50 -3.88 -21.04
N SER A 116 5.99 -5.06 -20.70
CA SER A 116 7.44 -5.29 -20.66
C SER A 116 8.09 -5.49 -22.04
N MET A 117 7.27 -5.84 -23.03
CA MET A 117 7.79 -6.41 -24.27
C MET A 117 8.20 -5.32 -25.28
N THR A 118 9.25 -5.60 -26.04
CA THR A 118 9.75 -4.71 -27.07
C THR A 118 10.18 -5.49 -28.30
N ASP A 119 10.22 -4.78 -29.45
CA ASP A 119 10.88 -5.33 -30.65
C ASP A 119 12.12 -4.53 -31.01
N SER A 120 12.86 -4.09 -29.97
CA SER A 120 14.06 -3.30 -30.17
C SER A 120 15.17 -4.07 -30.89
N LYS A 121 15.29 -5.36 -30.59
CA LYS A 121 16.37 -6.18 -31.14
C LYS A 121 16.11 -6.55 -32.60
N THR A 122 14.89 -7.01 -32.89
CA THR A 122 14.50 -7.39 -34.23
C THR A 122 13.14 -6.78 -34.49
N GLU A 123 13.12 -5.78 -35.37
CA GLU A 123 11.88 -5.07 -35.71
C GLU A 123 10.76 -6.03 -36.16
N GLY A 124 9.57 -5.83 -35.61
CA GLY A 124 8.42 -6.71 -35.84
C GLY A 124 8.36 -7.96 -35.00
N LYS A 125 9.39 -8.25 -34.22
CA LYS A 125 9.43 -9.45 -33.39
C LYS A 125 9.45 -9.03 -31.91
N PHE A 126 8.28 -9.06 -31.28
CA PHE A 126 8.17 -8.65 -29.88
C PHE A 126 8.61 -9.75 -28.92
N THR A 127 9.44 -9.40 -27.95
CA THR A 127 9.94 -10.36 -26.98
C THR A 127 9.77 -9.86 -25.55
N TYR A 128 9.73 -10.80 -24.61
CA TYR A 128 9.82 -10.50 -23.18
C TYR A 128 11.27 -10.07 -22.86
N PRO A 129 11.51 -9.49 -21.68
CA PRO A 129 12.87 -9.05 -21.34
C PRO A 129 13.94 -10.17 -21.36
N THR A 130 13.52 -11.42 -21.19
CA THR A 130 14.39 -12.60 -21.37
C THR A 130 14.82 -12.89 -22.81
N GLY A 131 14.13 -12.30 -23.80
CA GLY A 131 14.36 -12.62 -25.21
C GLY A 131 13.38 -13.65 -25.79
N GLU A 132 12.60 -14.29 -24.92
CA GLU A 132 11.58 -15.25 -25.36
C GLU A 132 10.51 -14.54 -26.22
N SER A 133 10.09 -15.17 -27.31
CA SER A 133 8.96 -14.68 -28.13
C SER A 133 7.64 -14.74 -27.37
N LEU A 134 6.69 -13.89 -27.76
CA LEU A 134 5.37 -13.81 -27.11
C LEU A 134 4.61 -15.15 -27.14
N VAL A 135 3.97 -15.49 -26.02
CA VAL A 135 3.04 -16.63 -25.93
C VAL A 135 1.57 -16.23 -25.96
N TYR A 136 1.30 -14.92 -25.88
CA TYR A 136 -0.03 -14.35 -25.88
C TYR A 136 0.08 -12.94 -26.44
N SER A 137 -0.91 -12.51 -27.20
CA SER A 137 -1.02 -11.11 -27.61
C SER A 137 -2.47 -10.71 -27.70
N ASN A 138 -2.71 -9.41 -27.61
CA ASN A 138 -4.05 -8.85 -27.72
C ASN A 138 -4.03 -7.55 -28.49
N TRP A 139 -3.42 -7.57 -29.68
CA TRP A 139 -3.26 -6.38 -30.52
C TRP A 139 -4.60 -5.76 -30.96
N ALA A 140 -4.71 -4.44 -30.84
CA ALA A 140 -5.83 -3.70 -31.43
C ALA A 140 -5.79 -3.85 -32.96
N PRO A 141 -6.96 -3.72 -33.63
CA PRO A 141 -6.96 -3.75 -35.10
C PRO A 141 -5.94 -2.80 -35.72
N GLY A 142 -5.18 -3.30 -36.68
CA GLY A 142 -4.14 -2.50 -37.36
C GLY A 142 -2.79 -2.44 -36.65
N GLU A 143 -2.67 -3.11 -35.51
CA GLU A 143 -1.47 -3.06 -34.67
C GLU A 143 -0.82 -4.43 -34.63
N PRO A 144 0.50 -4.53 -34.40
CA PRO A 144 1.43 -3.40 -34.30
C PRO A 144 1.75 -2.79 -35.68
N ASN A 145 1.96 -1.49 -35.75
CA ASN A 145 2.20 -0.81 -37.05
C ASN A 145 3.52 -0.07 -37.19
N ASP A 146 4.34 -0.06 -36.13
CA ASP A 146 5.59 0.70 -36.11
C ASP A 146 5.42 2.11 -36.65
N ASP A 147 4.43 2.80 -36.11
CA ASP A 147 4.03 4.08 -36.67
C ASP A 147 5.12 5.10 -36.47
N GLY A 148 5.34 5.91 -37.49
CA GLY A 148 6.41 6.87 -37.46
C GLY A 148 7.78 6.25 -37.67
N GLY A 149 7.85 4.94 -37.94
CA GLY A 149 9.11 4.19 -37.98
C GLY A 149 9.89 3.98 -36.67
N SER A 150 9.24 4.15 -35.53
CA SER A 150 9.95 4.08 -34.26
C SER A 150 9.00 3.81 -33.07
N GLU A 151 8.26 2.71 -33.14
CA GLU A 151 7.43 2.26 -32.00
C GLU A 151 7.86 0.87 -31.60
N ASP A 152 8.73 0.81 -30.60
CA ASP A 152 9.28 -0.45 -30.14
C ASP A 152 8.81 -0.93 -28.75
N CYS A 153 7.96 -0.14 -28.10
CA CYS A 153 7.33 -0.51 -26.82
C CYS A 153 5.86 -0.82 -27.04
N VAL A 154 5.21 -1.37 -26.01
CA VAL A 154 3.81 -1.80 -26.12
C VAL A 154 3.01 -1.20 -24.97
N GLU A 155 1.84 -0.63 -25.28
CA GLU A 155 0.92 -0.15 -24.26
C GLU A 155 -0.35 -0.98 -24.31
N ILE A 156 -1.01 -1.08 -23.15
CA ILE A 156 -2.33 -1.67 -23.04
C ILE A 156 -3.32 -0.52 -22.74
N PHE A 157 -4.36 -0.43 -23.56
CA PHE A 157 -5.42 0.55 -23.40
C PHE A 157 -6.48 0.15 -22.37
N THR A 158 -7.36 1.10 -22.05
CA THR A 158 -8.49 0.83 -21.17
C THR A 158 -9.47 -0.22 -21.69
N ASN A 159 -9.54 -0.48 -23.00
CA ASN A 159 -10.28 -1.64 -23.53
C ASN A 159 -9.50 -2.97 -23.52
N GLY A 160 -8.27 -2.97 -22.96
CA GLY A 160 -7.44 -4.15 -22.88
C GLY A 160 -6.64 -4.49 -24.11
N LYS A 161 -6.87 -3.77 -25.21
CA LYS A 161 -6.14 -4.03 -26.45
C LYS A 161 -4.77 -3.38 -26.42
N TRP A 162 -3.84 -3.94 -27.19
CA TRP A 162 -2.45 -3.51 -27.22
C TRP A 162 -2.15 -2.68 -28.47
N ASN A 163 -1.24 -1.72 -28.29
CA ASN A 163 -0.76 -0.89 -29.35
C ASN A 163 0.74 -0.66 -29.16
N ASP A 164 1.51 -0.84 -30.23
CA ASP A 164 2.90 -0.48 -30.16
C ASP A 164 3.05 1.03 -30.13
N ARG A 165 3.97 1.50 -29.31
CA ARG A 165 4.09 2.88 -28.93
C ARG A 165 5.56 3.26 -28.81
N ALA A 166 5.88 4.52 -29.14
CA ALA A 166 7.23 5.05 -28.89
C ALA A 166 7.64 4.96 -27.41
N CYS A 167 8.82 4.41 -27.16
CA CYS A 167 9.34 4.21 -25.79
C CYS A 167 9.56 5.52 -25.00
N GLY A 168 9.75 6.65 -25.68
CA GLY A 168 9.84 7.96 -25.04
C GLY A 168 8.56 8.57 -24.47
N GLU A 169 7.41 8.06 -24.88
CA GLU A 169 6.12 8.53 -24.36
C GLU A 169 5.95 8.08 -22.91
N LYS A 170 5.20 8.84 -22.14
CA LYS A 170 4.96 8.57 -20.72
C LYS A 170 3.67 7.78 -20.57
N ARG A 171 3.74 6.63 -19.90
CA ARG A 171 2.56 5.81 -19.66
C ARG A 171 2.54 5.29 -18.23
N LEU A 172 1.40 4.76 -17.82
CA LEU A 172 1.21 4.28 -16.44
C LEU A 172 2.19 3.18 -16.17
N VAL A 173 2.83 3.24 -15.00
CA VAL A 173 3.81 2.26 -14.58
C VAL A 173 3.07 1.15 -13.80
N VAL A 174 3.10 -0.07 -14.31
CA VAL A 174 2.49 -1.22 -13.64
C VAL A 174 3.53 -2.31 -13.61
N CYS A 175 3.87 -2.76 -12.41
CA CYS A 175 4.86 -3.81 -12.27
C CYS A 175 4.17 -5.12 -11.94
N GLU A 176 4.79 -6.23 -12.34
CA GLU A 176 4.32 -7.55 -11.94
C GLU A 176 5.35 -8.20 -11.01
N PHE A 177 4.81 -8.91 -10.03
CA PHE A 177 5.58 -9.59 -8.98
C PHE A 177 5.06 -11.02 -8.88
N VAL B 26 12.20 -41.22 15.09
CA VAL B 26 11.44 -40.33 16.02
C VAL B 26 12.23 -39.08 16.41
N ALA B 27 13.56 -39.21 16.54
CA ALA B 27 14.45 -38.06 16.78
C ALA B 27 14.58 -37.15 15.56
N SER B 28 14.25 -37.65 14.37
CA SER B 28 14.23 -36.84 13.16
C SER B 28 13.08 -35.82 13.18
N LEU B 29 11.90 -36.28 13.60
CA LEU B 29 10.72 -35.39 13.80
C LEU B 29 10.93 -34.33 14.88
N ARG B 30 11.80 -34.59 15.86
CA ARG B 30 12.18 -33.62 16.88
C ARG B 30 12.81 -32.38 16.24
N GLN B 31 13.86 -32.59 15.44
CA GLN B 31 14.60 -31.51 14.80
C GLN B 31 13.78 -30.72 13.78
N GLN B 32 12.84 -31.38 13.11
CA GLN B 32 12.00 -30.72 12.11
C GLN B 32 11.01 -29.77 12.75
N VAL B 33 10.35 -30.23 13.81
CA VAL B 33 9.47 -29.38 14.63
C VAL B 33 10.23 -28.14 15.13
N GLU B 34 11.44 -28.32 15.65
CA GLU B 34 12.27 -27.20 16.15
C GLU B 34 12.70 -26.19 15.06
N ALA B 35 13.12 -26.71 13.91
CA ALA B 35 13.49 -25.89 12.76
C ALA B 35 12.30 -25.03 12.26
N LEU B 36 11.13 -25.64 12.20
CA LEU B 36 9.86 -24.95 11.89
C LEU B 36 9.44 -23.91 12.93
N GLN B 37 9.71 -24.16 14.21
CA GLN B 37 9.41 -23.16 15.26
C GLN B 37 10.18 -21.87 15.00
N GLY B 38 11.45 -21.98 14.63
CA GLY B 38 12.27 -20.84 14.25
C GLY B 38 11.79 -20.11 13.01
N GLN B 39 11.33 -20.84 12.01
CA GLN B 39 10.85 -20.21 10.76
C GLN B 39 9.54 -19.49 11.02
N VAL B 40 8.67 -20.10 11.82
CA VAL B 40 7.38 -19.53 12.17
C VAL B 40 7.59 -18.26 12.98
N GLN B 41 8.49 -18.31 13.96
CA GLN B 41 8.81 -17.13 14.75
C GLN B 41 9.33 -15.96 13.90
N HIS B 42 10.23 -16.22 12.96
CA HIS B 42 10.73 -15.22 12.07
C HIS B 42 9.60 -14.63 11.22
N LEU B 43 8.74 -15.49 10.68
CA LEU B 43 7.58 -14.99 9.90
C LEU B 43 6.67 -14.10 10.72
N GLN B 44 6.37 -14.52 11.95
CA GLN B 44 5.53 -13.74 12.86
C GLN B 44 6.13 -12.35 13.11
N ALA B 45 7.43 -12.32 13.41
CA ALA B 45 8.11 -11.04 13.69
C ALA B 45 8.12 -10.13 12.44
N ALA B 46 8.44 -10.72 11.30
CA ALA B 46 8.53 -9.97 10.05
C ALA B 46 7.19 -9.40 9.65
N PHE B 47 6.16 -10.24 9.79
CA PHE B 47 4.81 -9.85 9.43
C PHE B 47 4.25 -8.76 10.35
N SER B 48 4.59 -8.81 11.64
CA SER B 48 4.17 -7.78 12.58
CA SER B 48 4.22 -7.78 12.61
C SER B 48 4.67 -6.40 12.14
N GLN B 49 5.87 -6.35 11.62
CA GLN B 49 6.45 -5.11 11.12
C GLN B 49 5.71 -4.63 9.86
N TYR B 50 5.49 -5.56 8.95
CA TYR B 50 4.80 -5.22 7.70
C TYR B 50 3.33 -4.81 7.89
N LYS B 51 2.65 -5.28 8.93
CA LYS B 51 1.31 -4.78 9.21
C LYS B 51 1.30 -3.27 9.43
N LYS B 52 2.25 -2.76 10.20
CA LYS B 52 2.31 -1.33 10.47
C LYS B 52 2.65 -0.57 9.21
N VAL B 53 3.60 -1.08 8.44
CA VAL B 53 4.06 -0.44 7.23
C VAL B 53 2.90 -0.33 6.24
N GLU B 54 2.20 -1.44 6.06
CA GLU B 54 1.12 -1.52 5.10
C GLU B 54 -0.02 -0.55 5.41
N LEU B 55 -0.37 -0.38 6.68
CA LEU B 55 -1.49 0.50 6.99
C LEU B 55 -1.14 1.98 7.03
N PHE B 56 0.15 2.31 6.91
CA PHE B 56 0.59 3.69 6.82
C PHE B 56 0.56 4.17 5.37
N PRO B 57 -0.16 5.23 5.01
CA PRO B 57 -0.96 6.12 5.84
C PRO B 57 -2.46 5.93 5.66
N ASN B 58 -2.91 4.91 4.91
CA ASN B 58 -4.28 4.87 4.44
C ASN B 58 -5.16 3.80 5.08
N GLY B 59 -4.67 3.12 6.12
CA GLY B 59 -5.40 2.07 6.78
C GLY B 59 -5.49 2.27 8.27
N GLN B 60 -6.43 1.56 8.89
CA GLN B 60 -6.62 1.59 10.34
C GLN B 60 -7.10 0.22 10.76
N SER B 61 -6.43 -0.39 11.72
CA SER B 61 -6.83 -1.70 12.23
CA SER B 61 -6.90 -1.69 12.20
C SER B 61 -7.66 -1.44 13.49
N VAL B 62 -8.73 -2.20 13.68
CA VAL B 62 -9.51 -2.14 14.91
C VAL B 62 -10.08 -3.52 15.20
N GLY B 63 -9.66 -4.13 16.32
CA GLY B 63 -10.02 -5.52 16.57
C GLY B 63 -9.50 -6.38 15.43
N GLU B 64 -10.38 -7.19 14.87
CA GLU B 64 -10.08 -8.04 13.73
C GLU B 64 -10.39 -7.39 12.36
N LYS B 65 -10.87 -6.15 12.37
CA LYS B 65 -11.28 -5.44 11.15
C LYS B 65 -10.19 -4.48 10.69
N ILE B 66 -10.07 -4.29 9.38
CA ILE B 66 -9.17 -3.28 8.82
C ILE B 66 -9.97 -2.39 7.88
N PHE B 67 -9.83 -1.08 8.06
CA PHE B 67 -10.37 -0.13 7.12
C PHE B 67 -9.24 0.36 6.25
N LYS B 68 -9.52 0.56 4.96
CA LYS B 68 -8.48 1.08 4.05
C LYS B 68 -9.15 2.03 3.08
N THR B 69 -8.64 3.26 2.99
CA THR B 69 -9.19 4.19 2.02
C THR B 69 -8.47 4.11 0.68
N ALA B 70 -9.22 4.31 -0.39
CA ALA B 70 -8.66 4.43 -1.73
C ALA B 70 -8.02 5.80 -1.94
N GLY B 71 -8.39 6.77 -1.11
CA GLY B 71 -7.86 8.11 -1.21
C GLY B 71 -8.55 8.98 -2.23
N PHE B 72 -9.64 8.52 -2.84
CA PHE B 72 -10.38 9.32 -3.78
C PHE B 72 -11.88 9.19 -3.55
N VAL B 73 -12.63 10.07 -4.20
CA VAL B 73 -14.10 10.06 -4.11
C VAL B 73 -14.78 9.39 -5.29
N LYS B 74 -15.89 8.71 -5.02
CA LYS B 74 -16.79 8.14 -6.02
C LYS B 74 -18.24 8.23 -5.53
N PRO B 75 -19.20 8.15 -6.47
CA PRO B 75 -20.59 7.94 -6.07
C PRO B 75 -20.78 6.54 -5.49
N PHE B 76 -21.83 6.36 -4.70
CA PHE B 76 -22.05 5.15 -3.93
C PHE B 76 -21.93 3.85 -4.74
N THR B 77 -22.62 3.78 -5.88
CA THR B 77 -22.62 2.52 -6.63
C THR B 77 -21.21 2.13 -7.05
N GLU B 78 -20.43 3.11 -7.50
CA GLU B 78 -19.06 2.85 -7.96
C GLU B 78 -18.18 2.41 -6.77
N ALA B 79 -18.36 3.09 -5.63
CA ALA B 79 -17.61 2.79 -4.39
C ALA B 79 -17.91 1.39 -3.90
N GLN B 80 -19.18 1.02 -3.88
CA GLN B 80 -19.59 -0.28 -3.43
C GLN B 80 -18.96 -1.36 -4.30
N LEU B 81 -18.97 -1.12 -5.61
CA LEU B 81 -18.39 -2.06 -6.55
C LEU B 81 -16.90 -2.26 -6.35
N LEU B 82 -16.17 -1.15 -6.13
CA LEU B 82 -14.76 -1.23 -5.83
C LEU B 82 -14.44 -2.11 -4.63
N CYS B 83 -15.17 -1.89 -3.53
CA CYS B 83 -14.89 -2.67 -2.33
C CYS B 83 -15.21 -4.15 -2.55
N THR B 84 -16.35 -4.44 -3.19
CA THR B 84 -16.77 -5.82 -3.37
C THR B 84 -15.80 -6.53 -4.29
N GLN B 85 -15.39 -5.87 -5.37
CA GLN B 85 -14.39 -6.44 -6.31
C GLN B 85 -13.02 -6.72 -5.67
N ALA B 86 -12.66 -5.94 -4.66
CA ALA B 86 -11.42 -6.13 -3.89
C ALA B 86 -11.54 -7.17 -2.75
N GLY B 87 -12.72 -7.77 -2.59
CA GLY B 87 -12.93 -8.81 -1.62
C GLY B 87 -13.34 -8.29 -0.26
N GLY B 88 -13.81 -7.05 -0.23
CA GLY B 88 -14.26 -6.43 1.02
C GLY B 88 -15.66 -5.90 0.85
N GLN B 89 -15.96 -4.86 1.62
CA GLN B 89 -17.23 -4.16 1.51
C GLN B 89 -17.04 -2.75 2.02
N LEU B 90 -18.00 -1.88 1.73
CA LEU B 90 -17.86 -0.52 2.20
C LEU B 90 -17.81 -0.50 3.71
N ALA B 91 -17.13 0.50 4.26
CA ALA B 91 -17.01 0.64 5.71
C ALA B 91 -18.34 0.48 6.39
N SER B 92 -18.39 -0.40 7.39
CA SER B 92 -19.62 -0.76 8.12
C SER B 92 -19.34 -0.80 9.64
N PRO B 93 -19.12 0.37 10.25
CA PRO B 93 -18.77 0.38 11.68
C PRO B 93 -19.89 -0.18 12.53
N ARG B 94 -19.56 -1.17 13.36
CA ARG B 94 -20.54 -1.86 14.20
C ARG B 94 -20.39 -1.57 15.69
N SER B 95 -19.52 -0.63 16.04
CA SER B 95 -19.35 -0.15 17.44
C SER B 95 -18.71 1.20 17.45
N ALA B 96 -18.72 1.87 18.61
CA ALA B 96 -18.01 3.15 18.81
C ALA B 96 -16.55 3.06 18.42
N ALA B 97 -15.89 1.98 18.81
CA ALA B 97 -14.46 1.83 18.52
C ALA B 97 -14.19 1.71 17.03
N GLU B 98 -14.99 0.92 16.34
CA GLU B 98 -14.89 0.85 14.89
C GLU B 98 -15.18 2.19 14.25
N ASN B 99 -16.21 2.90 14.76
CA ASN B 99 -16.55 4.20 14.19
C ASN B 99 -15.42 5.23 14.36
N ALA B 100 -14.76 5.21 15.53
CA ALA B 100 -13.66 6.14 15.79
C ALA B 100 -12.42 5.85 14.93
N ALA B 101 -12.17 4.57 14.64
CA ALA B 101 -11.09 4.19 13.78
C ALA B 101 -11.36 4.65 12.35
N LEU B 102 -12.58 4.44 11.85
CA LEU B 102 -12.97 4.95 10.57
C LEU B 102 -12.84 6.49 10.55
N GLN B 103 -13.27 7.14 11.63
CA GLN B 103 -13.18 8.59 11.68
C GLN B 103 -11.75 9.11 11.49
N GLN B 104 -10.75 8.40 12.01
CA GLN B 104 -9.33 8.80 11.82
C GLN B 104 -8.93 8.95 10.35
N LEU B 105 -9.40 8.04 9.49
CA LEU B 105 -9.15 8.14 8.06
C LEU B 105 -9.86 9.30 7.38
N VAL B 106 -11.11 9.51 7.77
CA VAL B 106 -11.91 10.62 7.26
C VAL B 106 -11.25 11.95 7.61
N VAL B 107 -10.82 12.06 8.86
CA VAL B 107 -10.10 13.25 9.34
C VAL B 107 -8.80 13.45 8.57
N ALA B 108 -8.06 12.36 8.39
CA ALA B 108 -6.76 12.45 7.72
C ALA B 108 -6.90 12.92 6.27
N LYS B 109 -7.94 12.47 5.57
CA LYS B 109 -8.17 12.87 4.20
C LYS B 109 -9.06 14.08 4.11
N ASN B 110 -9.59 14.52 5.24
CA ASN B 110 -10.50 15.67 5.30
C ASN B 110 -11.67 15.59 4.31
N GLU B 111 -12.31 14.42 4.24
CA GLU B 111 -13.38 14.21 3.30
C GLU B 111 -14.30 13.14 3.88
N ALA B 112 -15.60 13.46 3.96
CA ALA B 112 -16.61 12.52 4.41
C ALA B 112 -16.61 11.27 3.54
N ALA B 113 -16.92 10.11 4.15
CA ALA B 113 -16.89 8.84 3.46
C ALA B 113 -18.25 8.19 3.43
N PHE B 114 -18.54 7.41 2.39
CA PHE B 114 -19.72 6.54 2.38
C PHE B 114 -19.54 5.35 3.32
N LEU B 115 -20.63 4.99 4.00
CA LEU B 115 -20.75 3.71 4.69
C LEU B 115 -21.46 2.74 3.78
N SER B 116 -21.58 1.50 4.22
CA SER B 116 -22.22 0.44 3.39
C SER B 116 -23.75 0.49 3.38
N MET B 117 -24.34 1.15 4.37
CA MET B 117 -25.73 0.96 4.69
C MET B 117 -26.66 1.92 3.91
N THR B 118 -27.83 1.43 3.56
CA THR B 118 -28.83 2.21 2.82
C THR B 118 -30.22 1.88 3.27
N ASP B 119 -31.15 2.80 3.00
CA ASP B 119 -32.59 2.53 3.11
C ASP B 119 -33.27 2.50 1.74
N SER B 120 -32.53 2.02 0.74
CA SER B 120 -33.03 1.92 -0.63
C SER B 120 -34.21 0.98 -0.76
N LYS B 121 -34.18 -0.13 -0.03
CA LYS B 121 -35.25 -1.10 -0.09
C LYS B 121 -36.52 -0.59 0.55
N THR B 122 -36.43 -0.20 1.82
CA THR B 122 -37.54 0.36 2.57
C THR B 122 -37.16 1.69 3.23
N GLU B 123 -37.78 2.77 2.76
CA GLU B 123 -37.46 4.12 3.24
C GLU B 123 -37.59 4.20 4.76
N GLY B 124 -36.59 4.82 5.40
CA GLY B 124 -36.56 4.92 6.86
C GLY B 124 -35.89 3.78 7.57
N LYS B 125 -35.67 2.65 6.86
CA LYS B 125 -35.09 1.47 7.49
C LYS B 125 -33.72 1.16 6.87
N PHE B 126 -32.67 1.56 7.60
CA PHE B 126 -31.29 1.38 7.11
C PHE B 126 -30.81 -0.03 7.40
N THR B 127 -30.16 -0.64 6.41
CA THR B 127 -29.68 -2.02 6.53
C THR B 127 -28.26 -2.13 5.98
N TYR B 128 -27.53 -3.13 6.46
CA TYR B 128 -26.27 -3.55 5.86
C TYR B 128 -26.56 -4.23 4.51
N PRO B 129 -25.52 -4.42 3.65
CA PRO B 129 -25.75 -5.10 2.35
C PRO B 129 -26.35 -6.52 2.47
N THR B 130 -26.21 -7.14 3.63
CA THR B 130 -26.87 -8.41 3.92
C THR B 130 -28.39 -8.32 4.09
N GLY B 131 -28.91 -7.13 4.38
CA GLY B 131 -30.31 -6.94 4.75
C GLY B 131 -30.53 -6.80 6.25
N GLU B 132 -29.50 -7.10 7.04
CA GLU B 132 -29.56 -7.02 8.49
C GLU B 132 -29.76 -5.58 8.98
N SER B 133 -30.60 -5.40 10.00
CA SER B 133 -30.83 -4.08 10.61
C SER B 133 -29.60 -3.64 11.36
N LEU B 134 -29.46 -2.33 11.55
CA LEU B 134 -28.23 -1.80 12.16
C LEU B 134 -28.06 -2.26 13.61
N VAL B 135 -26.84 -2.63 13.98
CA VAL B 135 -26.51 -2.92 15.38
C VAL B 135 -25.85 -1.76 16.11
N TYR B 136 -25.52 -0.70 15.37
CA TYR B 136 -24.90 0.51 15.93
C TYR B 136 -25.22 1.64 14.94
N SER B 137 -25.45 2.84 15.46
CA SER B 137 -25.53 4.05 14.66
C SER B 137 -24.96 5.26 15.40
N ASN B 138 -24.57 6.27 14.65
CA ASN B 138 -24.06 7.49 15.21
C ASN B 138 -24.57 8.72 14.45
N TRP B 139 -25.87 8.76 14.27
CA TRP B 139 -26.52 9.84 13.50
C TRP B 139 -26.33 11.20 14.13
N ALA B 140 -26.01 12.19 13.28
CA ALA B 140 -25.99 13.56 13.71
C ALA B 140 -27.42 13.97 14.16
N PRO B 141 -27.55 14.99 15.02
CA PRO B 141 -28.90 15.39 15.46
C PRO B 141 -29.79 15.74 14.27
N GLY B 142 -31.01 15.20 14.27
CA GLY B 142 -31.97 15.42 13.18
C GLY B 142 -31.87 14.46 12.01
N GLU B 143 -30.87 13.58 12.01
CA GLU B 143 -30.64 12.67 10.90
C GLU B 143 -31.05 11.29 11.35
N PRO B 144 -31.48 10.43 10.41
CA PRO B 144 -31.57 10.72 8.99
C PRO B 144 -32.83 11.54 8.68
N ASN B 145 -32.75 12.45 7.72
CA ASN B 145 -33.88 13.35 7.37
C ASN B 145 -34.42 13.20 5.96
N ASP B 146 -33.85 12.30 5.15
CA ASP B 146 -34.27 12.11 3.76
C ASP B 146 -34.50 13.44 3.00
N ASP B 147 -33.53 14.35 3.08
CA ASP B 147 -33.66 15.68 2.52
C ASP B 147 -33.96 15.64 1.03
N GLY B 148 -34.98 16.42 0.65
CA GLY B 148 -35.47 16.44 -0.74
C GLY B 148 -36.16 15.15 -1.13
N GLY B 149 -36.45 14.28 -0.16
CA GLY B 149 -37.01 12.97 -0.42
C GLY B 149 -36.10 12.01 -1.17
N SER B 150 -34.78 12.18 -1.08
CA SER B 150 -33.88 11.40 -1.93
C SER B 150 -32.51 11.16 -1.35
N GLU B 151 -32.46 10.83 -0.07
CA GLU B 151 -31.18 10.47 0.57
C GLU B 151 -31.29 9.08 1.10
N ASP B 152 -30.65 8.14 0.40
CA ASP B 152 -30.72 6.74 0.79
C ASP B 152 -29.37 6.12 1.16
N CYS B 153 -28.29 6.87 1.05
CA CYS B 153 -26.97 6.40 1.48
C CYS B 153 -26.59 7.12 2.76
N VAL B 154 -25.46 6.71 3.36
CA VAL B 154 -24.98 7.29 4.60
C VAL B 154 -23.53 7.73 4.48
N GLU B 155 -23.23 8.92 4.97
CA GLU B 155 -21.88 9.41 5.04
C GLU B 155 -21.49 9.60 6.50
N ILE B 156 -20.20 9.47 6.77
CA ILE B 156 -19.62 9.77 8.06
C ILE B 156 -18.79 11.04 7.89
N PHE B 157 -19.06 12.01 8.76
CA PHE B 157 -18.31 13.26 8.77
C PHE B 157 -16.95 13.18 9.49
N THR B 158 -16.14 14.23 9.35
CA THR B 158 -14.90 14.33 10.10
C THR B 158 -15.08 14.35 11.62
N ASN B 159 -16.25 14.75 12.12
CA ASN B 159 -16.56 14.61 13.55
C ASN B 159 -17.08 13.22 13.97
N GLY B 160 -17.14 12.25 13.04
CA GLY B 160 -17.60 10.91 13.34
C GLY B 160 -19.10 10.66 13.26
N LYS B 161 -19.89 11.74 13.15
CA LYS B 161 -21.32 11.61 13.09
C LYS B 161 -21.78 11.24 11.69
N TRP B 162 -22.95 10.64 11.62
CA TRP B 162 -23.51 10.16 10.37
C TRP B 162 -24.63 11.04 9.84
N ASN B 163 -24.79 11.01 8.51
CA ASN B 163 -25.83 11.77 7.84
C ASN B 163 -26.27 11.03 6.60
N ASP B 164 -27.56 10.93 6.38
CA ASP B 164 -28.07 10.34 5.14
C ASP B 164 -27.84 11.33 4.02
N ARG B 165 -27.43 10.80 2.87
CA ARG B 165 -26.92 11.58 1.79
C ARG B 165 -27.35 10.91 0.47
N ALA B 166 -27.58 11.72 -0.56
CA ALA B 166 -27.90 11.18 -1.89
C ALA B 166 -26.76 10.30 -2.45
N CYS B 167 -27.13 9.14 -2.93
CA CYS B 167 -26.18 8.11 -3.40
C CYS B 167 -25.39 8.53 -4.63
N GLY B 168 -25.93 9.48 -5.38
CA GLY B 168 -25.25 10.03 -6.53
C GLY B 168 -24.12 10.99 -6.23
N GLU B 169 -24.03 11.52 -5.00
CA GLU B 169 -22.97 12.41 -4.60
C GLU B 169 -21.67 11.61 -4.47
N LYS B 170 -20.54 12.30 -4.59
CA LYS B 170 -19.21 11.65 -4.50
C LYS B 170 -18.64 11.82 -3.12
N ARG B 171 -18.25 10.71 -2.49
CA ARG B 171 -17.63 10.75 -1.17
C ARG B 171 -16.42 9.78 -1.13
N LEU B 172 -15.60 9.96 -0.11
CA LEU B 172 -14.37 9.15 0.09
C LEU B 172 -14.71 7.68 0.09
N VAL B 173 -13.94 6.90 -0.67
CA VAL B 173 -14.14 5.46 -0.71
C VAL B 173 -13.29 4.82 0.37
N VAL B 174 -13.95 4.15 1.33
CA VAL B 174 -13.24 3.43 2.38
C VAL B 174 -13.84 2.05 2.47
N CYS B 175 -12.99 1.03 2.34
CA CYS B 175 -13.44 -0.37 2.38
C CYS B 175 -13.03 -1.00 3.66
N GLU B 176 -13.75 -2.02 4.08
CA GLU B 176 -13.37 -2.85 5.20
C GLU B 176 -13.09 -4.30 4.76
N PHE B 177 -12.07 -4.88 5.39
CA PHE B 177 -11.56 -6.21 5.15
C PHE B 177 -11.41 -6.95 6.51
N ALA C 27 4.49 -42.05 13.60
CA ALA C 27 4.44 -41.70 12.14
C ALA C 27 3.12 -41.08 11.67
N SER C 28 2.11 -41.03 12.54
CA SER C 28 0.93 -40.17 12.33
C SER C 28 1.33 -38.69 12.44
N LEU C 29 2.22 -38.36 13.39
CA LEU C 29 2.84 -37.03 13.47
C LEU C 29 3.67 -36.69 12.23
N ARG C 30 4.44 -37.66 11.74
CA ARG C 30 5.29 -37.53 10.55
C ARG C 30 4.52 -37.02 9.33
N GLN C 31 3.29 -37.49 9.16
CA GLN C 31 2.40 -37.00 8.11
C GLN C 31 1.96 -35.54 8.34
N GLN C 32 1.62 -35.21 9.59
CA GLN C 32 1.17 -33.86 9.95
C GLN C 32 2.32 -32.84 9.94
N VAL C 33 3.52 -33.28 10.24
CA VAL C 33 4.72 -32.42 10.13
C VAL C 33 5.00 -32.08 8.66
N GLU C 34 4.92 -33.06 7.77
CA GLU C 34 5.13 -32.81 6.34
C GLU C 34 4.08 -31.84 5.75
N ALA C 35 2.83 -31.93 6.22
CA ALA C 35 1.77 -31.01 5.83
C ALA C 35 2.07 -29.59 6.33
N LEU C 36 2.46 -29.50 7.59
CA LEU C 36 2.86 -28.24 8.21
C LEU C 36 4.06 -27.59 7.51
N GLN C 37 5.06 -28.40 7.16
CA GLN C 37 6.21 -27.92 6.38
C GLN C 37 5.78 -27.29 5.07
N GLY C 38 4.85 -27.93 4.37
CA GLY C 38 4.31 -27.39 3.12
C GLY C 38 3.67 -26.03 3.31
N GLN C 39 2.92 -25.89 4.40
CA GLN C 39 2.21 -24.65 4.69
C GLN C 39 3.20 -23.51 5.00
N VAL C 40 4.21 -23.80 5.80
CA VAL C 40 5.21 -22.82 6.15
C VAL C 40 6.02 -22.40 4.92
N GLN C 41 6.41 -23.36 4.08
CA GLN C 41 7.21 -23.00 2.91
C GLN C 41 6.38 -22.15 1.94
N HIS C 42 5.11 -22.49 1.77
CA HIS C 42 4.23 -21.70 0.94
C HIS C 42 4.08 -20.30 1.49
N LEU C 43 3.88 -20.20 2.79
CA LEU C 43 3.77 -18.90 3.46
C LEU C 43 5.05 -18.05 3.34
N GLN C 44 6.23 -18.68 3.46
CA GLN C 44 7.50 -17.95 3.28
C GLN C 44 7.59 -17.34 1.87
N ALA C 45 7.21 -18.11 0.86
CA ALA C 45 7.28 -17.63 -0.52
C ALA C 45 6.24 -16.52 -0.75
N ALA C 46 5.04 -16.72 -0.21
CA ALA C 46 3.96 -15.73 -0.41
C ALA C 46 4.33 -14.44 0.30
N PHE C 47 4.87 -14.56 1.49
CA PHE C 47 5.27 -13.38 2.25
C PHE C 47 6.38 -12.59 1.57
N SER C 48 7.37 -13.29 1.02
CA SER C 48 8.46 -12.62 0.34
C SER C 48 7.96 -11.84 -0.88
N GLN C 49 7.03 -12.43 -1.61
CA GLN C 49 6.39 -11.75 -2.74
C GLN C 49 5.63 -10.51 -2.30
N TYR C 50 4.83 -10.69 -1.24
CA TYR C 50 4.03 -9.61 -0.70
C TYR C 50 4.92 -8.45 -0.22
N LYS C 51 6.08 -8.74 0.37
CA LYS C 51 7.02 -7.67 0.77
C LYS C 51 7.38 -6.76 -0.42
N LYS C 52 7.67 -7.36 -1.56
CA LYS C 52 8.05 -6.58 -2.73
C LYS C 52 6.91 -5.68 -3.18
N VAL C 53 5.71 -6.23 -3.14
CA VAL C 53 4.51 -5.54 -3.53
C VAL C 53 4.29 -4.36 -2.60
N GLU C 54 4.40 -4.60 -1.28
CA GLU C 54 4.14 -3.57 -0.30
C GLU C 54 5.13 -2.40 -0.46
N LEU C 55 6.41 -2.71 -0.69
CA LEU C 55 7.44 -1.67 -0.76
C LEU C 55 7.36 -0.86 -2.04
N PHE C 56 6.70 -1.40 -3.07
CA PHE C 56 6.58 -0.68 -4.35
C PHE C 56 5.38 0.27 -4.34
N PRO C 57 5.52 1.57 -4.59
CA PRO C 57 6.75 2.29 -4.86
C PRO C 57 7.22 3.20 -3.71
N ASN C 58 6.60 3.13 -2.52
CA ASN C 58 6.83 4.11 -1.47
C ASN C 58 7.67 3.64 -0.29
N GLY C 59 8.26 2.46 -0.38
CA GLY C 59 9.03 1.88 0.72
C GLY C 59 10.43 1.45 0.38
N GLN C 60 11.27 1.36 1.41
CA GLN C 60 12.66 0.90 1.30
C GLN C 60 13.02 0.15 2.54
N SER C 61 13.60 -1.04 2.38
CA SER C 61 14.05 -1.86 3.48
C SER C 61 15.56 -1.83 3.54
N VAL C 62 16.09 -1.60 4.73
CA VAL C 62 17.54 -1.55 4.95
C VAL C 62 17.81 -2.15 6.30
N GLY C 63 18.50 -3.29 6.30
CA GLY C 63 18.71 -4.04 7.53
C GLY C 63 17.36 -4.48 8.05
N GLU C 64 17.10 -4.20 9.33
CA GLU C 64 15.82 -4.52 9.94
C GLU C 64 14.88 -3.28 9.97
N LYS C 65 15.27 -2.19 9.32
CA LYS C 65 14.45 -0.97 9.28
C LYS C 65 13.72 -0.85 7.97
N ILE C 66 12.52 -0.32 8.02
CA ILE C 66 11.76 -0.03 6.80
C ILE C 66 11.34 1.42 6.80
N PHE C 67 11.65 2.12 5.73
CA PHE C 67 11.20 3.50 5.53
C PHE C 67 10.00 3.46 4.62
N LYS C 68 8.97 4.22 4.93
CA LYS C 68 7.85 4.35 4.04
C LYS C 68 7.36 5.79 3.99
N THR C 69 7.23 6.30 2.78
CA THR C 69 6.66 7.63 2.57
C THR C 69 5.15 7.61 2.44
N ALA C 70 4.54 8.61 3.05
CA ALA C 70 3.10 8.88 2.87
C ALA C 70 2.78 9.47 1.50
N GLY C 71 3.79 10.05 0.85
CA GLY C 71 3.65 10.57 -0.50
C GLY C 71 3.03 11.96 -0.54
N PHE C 72 2.88 12.60 0.63
CA PHE C 72 2.43 13.99 0.75
C PHE C 72 3.29 14.76 1.78
N VAL C 73 3.11 16.09 1.81
CA VAL C 73 3.84 16.97 2.73
C VAL C 73 3.02 17.46 3.89
N LYS C 74 3.67 17.64 5.04
CA LYS C 74 3.09 18.19 6.24
C LYS C 74 4.14 19.01 7.00
N PRO C 75 3.71 19.93 7.87
CA PRO C 75 4.62 20.52 8.87
C PRO C 75 5.10 19.47 9.86
N PHE C 76 6.19 19.74 10.55
CA PHE C 76 6.84 18.76 11.38
C PHE C 76 5.92 18.14 12.43
N THR C 77 5.22 18.97 13.19
CA THR C 77 4.41 18.45 14.29
C THR C 77 3.34 17.46 13.79
N GLU C 78 2.73 17.77 12.67
CA GLU C 78 1.70 16.90 12.08
C GLU C 78 2.36 15.64 11.51
N ALA C 79 3.54 15.78 10.90
CA ALA C 79 4.27 14.63 10.37
C ALA C 79 4.68 13.66 11.48
N GLN C 80 5.17 14.20 12.58
CA GLN C 80 5.60 13.43 13.73
C GLN C 80 4.44 12.63 14.34
N LEU C 81 3.28 13.28 14.44
CA LEU C 81 2.10 12.62 15.00
C LEU C 81 1.61 11.46 14.11
N LEU C 82 1.52 11.71 12.79
CA LEU C 82 1.21 10.65 11.83
C LEU C 82 2.07 9.39 12.00
N CYS C 83 3.40 9.55 12.12
CA CYS C 83 4.27 8.40 12.29
C CYS C 83 4.06 7.72 13.63
N THR C 84 3.99 8.48 14.72
CA THR C 84 3.82 7.85 16.04
CA THR C 84 3.77 7.91 16.07
C THR C 84 2.48 7.10 16.14
N GLN C 85 1.42 7.65 15.57
CA GLN C 85 0.10 7.02 15.60
C GLN C 85 0.04 5.79 14.74
N ALA C 86 0.86 5.74 13.68
CA ALA C 86 1.03 4.54 12.85
C ALA C 86 1.89 3.45 13.49
N GLY C 87 2.43 3.72 14.68
CA GLY C 87 3.29 2.78 15.39
C GLY C 87 4.75 2.87 15.02
N GLY C 88 5.16 3.97 14.38
CA GLY C 88 6.55 4.17 14.03
C GLY C 88 7.06 5.51 14.53
N GLN C 89 7.96 6.10 13.77
CA GLN C 89 8.47 7.43 14.06
C GLN C 89 9.01 8.04 12.79
N LEU C 90 9.27 9.34 12.79
CA LEU C 90 9.88 9.97 11.63
C LEU C 90 11.21 9.33 11.28
N ALA C 91 11.52 9.33 9.99
CA ALA C 91 12.76 8.78 9.47
C ALA C 91 13.94 9.25 10.31
N SER C 92 14.73 8.30 10.81
CA SER C 92 15.88 8.57 11.68
C SER C 92 17.12 7.80 11.20
N PRO C 93 17.72 8.20 10.09
CA PRO C 93 18.87 7.42 9.59
C PRO C 93 20.05 7.47 10.55
N ARG C 94 20.60 6.30 10.85
CA ARG C 94 21.70 6.17 11.82
C ARG C 94 23.02 5.69 11.21
N SER C 95 23.08 5.60 9.89
CA SER C 95 24.26 5.16 9.16
C SER C 95 24.16 5.64 7.73
N ALA C 96 25.27 5.57 7.01
CA ALA C 96 25.30 5.90 5.59
C ALA C 96 24.36 5.02 4.78
N ALA C 97 24.29 3.74 5.13
CA ALA C 97 23.41 2.82 4.40
C ALA C 97 21.94 3.20 4.61
N GLU C 98 21.56 3.51 5.84
CA GLU C 98 20.19 3.97 6.10
C GLU C 98 19.88 5.27 5.37
N ASN C 99 20.83 6.22 5.39
CA ASN C 99 20.64 7.47 4.71
C ASN C 99 20.42 7.33 3.20
N ALA C 100 21.18 6.42 2.58
CA ALA C 100 21.07 6.16 1.15
C ALA C 100 19.74 5.54 0.79
N ALA C 101 19.24 4.67 1.67
CA ALA C 101 17.93 4.04 1.47
C ALA C 101 16.83 5.11 1.54
N LEU C 102 16.90 5.95 2.57
CA LEU C 102 15.97 7.09 2.66
C LEU C 102 16.04 8.01 1.44
N GLN C 103 17.26 8.33 1.03
CA GLN C 103 17.48 9.21 -0.11
C GLN C 103 16.76 8.74 -1.40
N GLN C 104 16.68 7.42 -1.61
CA GLN C 104 15.95 6.87 -2.78
C GLN C 104 14.48 7.29 -2.82
N LEU C 105 13.81 7.28 -1.68
CA LEU C 105 12.45 7.77 -1.59
C LEU C 105 12.33 9.25 -1.84
N VAL C 106 13.27 10.02 -1.30
CA VAL C 106 13.27 11.47 -1.48
C VAL C 106 13.48 11.83 -2.95
N VAL C 107 14.43 11.16 -3.59
CA VAL C 107 14.68 11.30 -5.04
C VAL C 107 13.47 10.92 -5.88
N ALA C 108 12.79 9.83 -5.50
CA ALA C 108 11.60 9.36 -6.22
C ALA C 108 10.43 10.33 -6.15
N LYS C 109 10.21 10.93 -4.98
CA LYS C 109 9.15 11.92 -4.82
C LYS C 109 9.59 13.32 -5.21
N ASN C 110 10.88 13.50 -5.38
CA ASN C 110 11.47 14.79 -5.70
C ASN C 110 11.07 15.87 -4.69
N GLU C 111 11.07 15.50 -3.41
CA GLU C 111 10.69 16.42 -2.35
C GLU C 111 11.47 16.10 -1.11
N ALA C 112 12.11 17.11 -0.54
CA ALA C 112 12.87 16.93 0.69
C ALA C 112 11.94 16.49 1.83
N ALA C 113 12.46 15.67 2.73
CA ALA C 113 11.69 15.05 3.81
C ALA C 113 12.19 15.43 5.19
N PHE C 114 11.28 15.50 6.15
CA PHE C 114 11.64 15.68 7.55
C PHE C 114 12.28 14.43 8.13
N LEU C 115 13.30 14.65 8.94
CA LEU C 115 13.86 13.65 9.85
C LEU C 115 13.24 13.84 11.23
N SER C 116 13.51 12.91 12.13
CA SER C 116 12.93 12.93 13.49
C SER C 116 13.61 13.91 14.42
N MET C 117 14.83 14.32 14.09
CA MET C 117 15.72 14.94 15.07
C MET C 117 15.51 16.44 15.11
N THR C 118 15.69 17.02 16.31
CA THR C 118 15.47 18.46 16.50
C THR C 118 16.48 19.02 17.53
N ASP C 119 16.70 20.33 17.48
CA ASP C 119 17.43 21.04 18.56
C ASP C 119 16.49 21.99 19.28
N SER C 120 15.23 21.56 19.43
CA SER C 120 14.20 22.36 20.09
C SER C 120 14.48 22.57 21.58
N LYS C 121 15.09 21.58 22.22
CA LYS C 121 15.41 21.67 23.65
C LYS C 121 16.61 22.57 23.91
N THR C 122 17.72 22.27 23.25
CA THR C 122 18.95 23.02 23.41
C THR C 122 19.49 23.44 22.03
N GLU C 123 19.33 24.72 21.70
CA GLU C 123 19.77 25.23 20.41
C GLU C 123 21.20 24.79 20.10
N GLY C 124 21.40 24.34 18.87
CA GLY C 124 22.67 23.82 18.40
C GLY C 124 23.04 22.41 18.83
N LYS C 125 22.16 21.74 19.57
CA LYS C 125 22.37 20.35 19.97
C LYS C 125 21.19 19.48 19.47
N PHE C 126 21.42 18.78 18.37
CA PHE C 126 20.36 17.97 17.76
C PHE C 126 20.27 16.62 18.45
N THR C 127 19.03 16.22 18.74
CA THR C 127 18.74 14.96 19.42
C THR C 127 17.67 14.16 18.70
N TYR C 128 17.70 12.85 18.89
CA TYR C 128 16.59 11.96 18.53
C TYR C 128 15.42 12.24 19.45
N PRO C 129 14.21 11.75 19.11
CA PRO C 129 13.07 12.01 20.00
C PRO C 129 13.23 11.38 21.40
N THR C 130 14.08 10.36 21.53
CA THR C 130 14.43 9.78 22.84
C THR C 130 15.19 10.75 23.75
N GLY C 131 15.86 11.73 23.17
CA GLY C 131 16.70 12.68 23.92
C GLY C 131 18.17 12.42 23.66
N GLU C 132 18.49 11.24 23.11
CA GLU C 132 19.85 10.86 22.76
C GLU C 132 20.43 11.81 21.70
N SER C 133 21.72 12.13 21.81
CA SER C 133 22.45 12.89 20.81
C SER C 133 22.73 12.05 19.58
N LEU C 134 22.94 12.73 18.44
CA LEU C 134 23.14 12.06 17.14
C LEU C 134 24.35 11.11 17.14
N VAL C 135 24.15 9.91 16.59
CA VAL C 135 25.23 8.93 16.36
C VAL C 135 25.70 8.91 14.89
N TYR C 136 25.01 9.65 14.02
CA TYR C 136 25.38 9.77 12.60
C TYR C 136 24.81 11.11 12.10
N SER C 137 25.53 11.80 11.22
CA SER C 137 24.99 13.01 10.53
C SER C 137 25.51 13.11 9.12
N ASN C 138 24.81 13.89 8.31
CA ASN C 138 25.19 14.08 6.92
C ASN C 138 24.83 15.50 6.49
N TRP C 139 25.25 16.48 7.30
CA TRP C 139 24.95 17.90 7.02
C TRP C 139 25.54 18.40 5.71
N ALA C 140 24.74 19.15 4.99
CA ALA C 140 25.20 19.90 3.86
C ALA C 140 26.25 20.94 4.31
N PRO C 141 27.09 21.38 3.37
CA PRO C 141 28.08 22.40 3.72
C PRO C 141 27.41 23.63 4.31
N GLY C 142 27.91 24.09 5.45
CA GLY C 142 27.39 25.28 6.13
C GLY C 142 26.34 24.96 7.20
N GLU C 143 25.80 23.75 7.18
CA GLU C 143 24.66 23.41 8.02
C GLU C 143 25.09 22.63 9.25
N PRO C 144 24.33 22.63 10.33
CA PRO C 144 23.12 23.43 10.52
C PRO C 144 23.46 24.92 10.80
N ASN C 145 22.65 25.84 10.27
CA ASN C 145 22.92 27.31 10.39
C ASN C 145 21.87 28.12 11.17
N ASP C 146 20.84 27.47 11.74
CA ASP C 146 19.72 28.16 12.41
C ASP C 146 19.26 29.44 11.69
N ASP C 147 19.00 29.34 10.39
CA ASP C 147 18.72 30.52 9.57
C ASP C 147 17.53 31.31 10.11
N GLY C 148 17.75 32.61 10.30
CA GLY C 148 16.75 33.49 10.85
C GLY C 148 16.52 33.25 12.33
N GLY C 149 17.42 32.49 12.97
CA GLY C 149 17.26 32.14 14.37
C GLY C 149 16.06 31.26 14.64
N SER C 150 15.59 30.51 13.64
CA SER C 150 14.32 29.82 13.76
C SER C 150 14.27 28.46 13.03
N GLU C 151 15.40 27.74 12.96
CA GLU C 151 15.40 26.38 12.34
C GLU C 151 15.76 25.33 13.35
N ASP C 152 14.76 24.59 13.82
CA ASP C 152 15.00 23.54 14.80
C ASP C 152 14.68 22.10 14.32
N CYS C 153 14.20 21.96 13.11
CA CYS C 153 13.93 20.64 12.51
C CYS C 153 14.98 20.36 11.44
N VAL C 154 14.97 19.14 10.91
CA VAL C 154 15.98 18.70 9.94
C VAL C 154 15.29 18.11 8.75
N GLU C 155 15.71 18.52 7.55
CA GLU C 155 15.27 17.90 6.31
C GLU C 155 16.45 17.19 5.61
N ILE C 156 16.11 16.22 4.77
CA ILE C 156 17.09 15.53 3.93
C ILE C 156 16.74 15.92 2.52
N PHE C 157 17.72 16.43 1.78
CA PHE C 157 17.55 16.79 0.37
C PHE C 157 17.61 15.57 -0.57
N THR C 158 17.26 15.79 -1.83
CA THR C 158 17.42 14.77 -2.88
C THR C 158 18.86 14.29 -3.11
N ASN C 159 19.87 15.10 -2.73
CA ASN C 159 21.26 14.65 -2.70
C ASN C 159 21.65 13.89 -1.42
N GLY C 160 20.71 13.69 -0.49
CA GLY C 160 20.97 12.97 0.76
C GLY C 160 21.54 13.79 1.90
N LYS C 161 21.99 15.01 1.61
CA LYS C 161 22.53 15.87 2.63
C LYS C 161 21.44 16.48 3.50
N TRP C 162 21.80 16.85 4.71
CA TRP C 162 20.83 17.36 5.67
C TRP C 162 20.95 18.88 5.86
N ASN C 163 19.81 19.49 6.19
CA ASN C 163 19.73 20.92 6.39
C ASN C 163 18.75 21.15 7.52
N ASP C 164 19.10 22.00 8.48
CA ASP C 164 18.09 22.45 9.43
C ASP C 164 17.10 23.42 8.81
N ARG C 165 15.84 23.27 9.23
CA ARG C 165 14.69 23.87 8.57
C ARG C 165 13.65 24.23 9.62
N ALA C 166 12.87 25.28 9.36
CA ALA C 166 11.85 25.69 10.33
C ALA C 166 10.77 24.59 10.38
N CYS C 167 10.36 24.24 11.58
CA CYS C 167 9.37 23.17 11.82
C CYS C 167 8.00 23.43 11.18
N GLY C 168 7.67 24.70 10.98
CA GLY C 168 6.42 25.07 10.32
C GLY C 168 6.36 24.88 8.82
N GLU C 169 7.50 24.61 8.18
CA GLU C 169 7.53 24.35 6.75
C GLU C 169 6.96 22.96 6.47
N LYS C 170 6.45 22.77 5.27
CA LYS C 170 5.86 21.50 4.87
C LYS C 170 6.86 20.70 4.06
N ARG C 171 7.15 19.48 4.51
CA ARG C 171 8.07 18.58 3.82
C ARG C 171 7.48 17.16 3.75
N LEU C 172 8.09 16.33 2.93
CA LEU C 172 7.62 14.95 2.70
C LEU C 172 7.62 14.19 4.01
N VAL C 173 6.54 13.46 4.28
CA VAL C 173 6.41 12.64 5.47
C VAL C 173 6.96 11.26 5.14
N VAL C 174 7.98 10.86 5.90
CA VAL C 174 8.58 9.55 5.77
C VAL C 174 8.72 8.95 7.16
N CYS C 175 8.11 7.80 7.38
CA CYS C 175 8.18 7.13 8.67
C CYS C 175 9.06 5.92 8.59
N GLU C 176 9.57 5.51 9.75
CA GLU C 176 10.39 4.32 9.84
C GLU C 176 9.68 3.36 10.78
N PHE C 177 9.80 2.09 10.43
CA PHE C 177 9.19 0.98 11.16
C PHE C 177 10.24 -0.12 11.31
#